data_6K4Z
#
_entry.id   6K4Z
#
_cell.length_a   37.393
_cell.length_b   46.779
_cell.length_c   74.581
_cell.angle_alpha   88.235
_cell.angle_beta   103.780
_cell.angle_gamma   111.984
#
_symmetry.space_group_name_H-M   'P 1'
#
loop_
_entity.id
_entity.type
_entity.pdbx_description
1 polymer 'scFv of C6'
2 non-polymer '2-(4-HYDROXY-3-NITROPHENYL)ACETIC ACID'
3 non-polymer 'SULFATE ION'
4 non-polymer GLYCEROL
5 water water
#
_entity_poly.entity_id   1
_entity_poly.type   'polypeptide(L)'
_entity_poly.pdbx_seq_one_letter_code
;GSAQAVVTQESALTTSPGETVTLTCRSSTGAVTTSNYVNWVQEKPDHLFTGLVYSTNSRVPGVPARFSGSLIGDKAALTI
TGAQAEDEAIYFCTLWYSNHWVFGGGTKLTVLGQGGGGSGGGGSGGGGSQVQLQQPGAELVKPGASVKLSCKTSGYTFPY
YWMHWVNQRPGRGLEWIGRIDPNGGGTRYSEKFKSKATLTVDKPSNTAYMQLSSLTSEDSAVYYCARGKLGQHFDYWGQG
TALTVSS
;
_entity_poly.pdbx_strand_id   A,B
#
# COMPACT_ATOMS: atom_id res chain seq x y z
N GLN A 4 -12.42 20.98 -10.10
CA GLN A 4 -12.88 19.60 -10.18
C GLN A 4 -12.66 18.89 -8.84
N ALA A 5 -13.61 18.02 -8.48
CA ALA A 5 -13.50 17.28 -7.23
C ALA A 5 -12.24 16.40 -7.25
N VAL A 6 -11.71 16.15 -6.06
CA VAL A 6 -10.60 15.23 -5.85
C VAL A 6 -11.12 14.04 -5.07
N VAL A 7 -10.87 12.84 -5.59
CA VAL A 7 -11.31 11.61 -4.94
C VAL A 7 -10.09 10.99 -4.27
N THR A 8 -10.15 10.79 -2.97
CA THR A 8 -8.99 10.35 -2.21
C THR A 8 -9.17 8.94 -1.68
N GLN A 9 -8.16 8.11 -1.89
CA GLN A 9 -8.08 6.76 -1.37
C GLN A 9 -6.79 6.60 -0.60
N GLU A 10 -6.76 5.67 0.35
CA GLU A 10 -5.48 5.30 0.97
C GLU A 10 -4.48 4.95 -0.14
N SER A 11 -3.25 5.44 -0.01
CA SER A 11 -2.24 5.12 -1.01
CA SER A 11 -2.23 5.12 -0.99
C SER A 11 -1.86 3.64 -0.95
N ALA A 12 -1.72 3.10 0.26
CA ALA A 12 -1.35 1.71 0.41
C ALA A 12 -1.95 1.18 1.71
N LEU A 13 -2.29 -0.11 1.69
CA LEU A 13 -2.78 -0.80 2.86
C LEU A 13 -2.25 -2.23 2.82
N THR A 14 -2.05 -2.80 4.01
CA THR A 14 -1.55 -4.16 4.17
C THR A 14 -2.58 -5.02 4.88
N THR A 15 -2.77 -6.24 4.37
CA THR A 15 -3.60 -7.22 5.06
C THR A 15 -2.88 -8.56 5.01
N SER A 16 -3.37 -9.50 5.78
CA SER A 16 -2.83 -10.84 5.77
C SER A 16 -3.86 -11.79 5.21
N PRO A 17 -3.43 -12.90 4.62
CA PRO A 17 -4.39 -13.87 4.10
C PRO A 17 -5.40 -14.29 5.17
N GLY A 18 -6.67 -14.30 4.79
CA GLY A 18 -7.75 -14.70 5.67
C GLY A 18 -8.32 -13.60 6.53
N GLU A 19 -7.69 -12.43 6.55
CA GLU A 19 -8.21 -11.32 7.35
C GLU A 19 -9.20 -10.50 6.55
N THR A 20 -9.88 -9.60 7.25
CA THR A 20 -10.77 -8.64 6.62
C THR A 20 -10.09 -7.29 6.56
N VAL A 21 -10.23 -6.61 5.41
CA VAL A 21 -9.63 -5.29 5.21
C VAL A 21 -10.65 -4.40 4.51
N THR A 22 -10.65 -3.11 4.87
CA THR A 22 -11.59 -2.15 4.30
C THR A 22 -10.83 -0.98 3.70
N LEU A 23 -11.11 -0.68 2.44
CA LEU A 23 -10.54 0.44 1.70
C LEU A 23 -11.60 1.53 1.63
N THR A 24 -11.18 2.79 1.59
CA THR A 24 -12.14 3.88 1.59
C THR A 24 -11.89 4.85 0.44
N CYS A 25 -12.90 5.67 0.20
CA CYS A 25 -12.96 6.50 -1.00
C CYS A 25 -13.66 7.79 -0.63
N ARG A 26 -12.93 8.90 -0.59
CA ARG A 26 -13.45 10.15 -0.06
C ARG A 26 -13.64 11.17 -1.18
N SER A 27 -14.65 12.02 -1.04
CA SER A 27 -14.90 13.12 -1.96
C SER A 27 -14.53 14.45 -1.31
N SER A 28 -13.79 15.28 -2.04
CA SER A 28 -13.43 16.61 -1.56
C SER A 28 -14.61 17.57 -1.54
N THR A 29 -15.73 17.22 -2.16
CA THR A 29 -16.89 18.08 -2.24
C THR A 29 -17.83 17.95 -1.05
N GLY A 30 -17.72 16.87 -0.29
CA GLY A 30 -18.64 16.56 0.77
C GLY A 30 -18.79 15.05 0.88
N ALA A 31 -19.88 14.63 1.50
CA ALA A 31 -20.10 13.20 1.72
C ALA A 31 -20.31 12.47 0.40
N VAL A 32 -19.81 11.25 0.32
CA VAL A 32 -20.16 10.38 -0.81
C VAL A 32 -21.56 9.83 -0.58
N THR A 33 -22.40 9.92 -1.60
CA THR A 33 -23.75 9.39 -1.49
C THR A 33 -24.00 8.40 -2.63
N THR A 34 -25.15 7.73 -2.57
CA THR A 34 -25.51 6.82 -3.64
C THR A 34 -25.64 7.52 -4.97
N SER A 35 -25.87 8.85 -4.97
CA SER A 35 -25.96 9.56 -6.25
C SER A 35 -24.60 9.76 -6.90
N ASN A 36 -23.52 9.39 -6.22
CA ASN A 36 -22.19 9.35 -6.82
C ASN A 36 -21.90 8.02 -7.52
N TYR A 37 -22.78 7.03 -7.39
CA TYR A 37 -22.71 5.77 -8.14
C TYR A 37 -21.30 5.17 -8.07
N VAL A 38 -20.75 5.11 -6.86
CA VAL A 38 -19.34 4.74 -6.73
C VAL A 38 -19.15 3.33 -7.27
N ASN A 39 -18.09 3.17 -8.07
CA ASN A 39 -17.72 1.87 -8.59
C ASN A 39 -16.30 1.57 -8.14
N TRP A 40 -16.03 0.29 -7.89
CA TRP A 40 -14.72 -0.19 -7.49
C TRP A 40 -14.20 -1.15 -8.54
N VAL A 41 -12.97 -0.91 -8.99
CA VAL A 41 -12.34 -1.72 -10.02
C VAL A 41 -10.98 -2.13 -9.50
N GLN A 42 -10.51 -3.28 -9.98
CA GLN A 42 -9.25 -3.86 -9.51
C GLN A 42 -8.28 -3.90 -10.67
N GLU A 43 -7.04 -3.42 -10.43
CA GLU A 43 -5.99 -3.48 -11.44
C GLU A 43 -4.93 -4.49 -11.03
N LYS A 44 -4.71 -5.48 -11.88
CA LYS A 44 -3.64 -6.45 -11.71
C LYS A 44 -2.58 -6.27 -12.79
N PRO A 45 -1.37 -6.79 -12.58
CA PRO A 45 -0.26 -6.46 -13.48
C PRO A 45 -0.57 -6.64 -14.95
N ASP A 46 0.03 -5.78 -15.77
CA ASP A 46 -0.19 -5.68 -17.21
C ASP A 46 -1.59 -5.14 -17.52
N HIS A 47 -1.98 -4.08 -16.80
CA HIS A 47 -3.15 -3.27 -17.15
C HIS A 47 -4.43 -4.10 -17.22
N LEU A 48 -4.57 -5.02 -16.27
CA LEU A 48 -5.70 -5.96 -16.25
C LEU A 48 -6.72 -5.44 -15.26
N PHE A 49 -7.80 -4.84 -15.77
CA PHE A 49 -8.83 -4.24 -14.94
C PHE A 49 -10.05 -5.15 -14.84
N THR A 50 -10.57 -5.26 -13.63
CA THR A 50 -11.74 -6.06 -13.32
C THR A 50 -12.70 -5.22 -12.52
N GLY A 51 -13.95 -5.11 -12.98
CA GLY A 51 -14.96 -4.44 -12.18
C GLY A 51 -15.40 -5.35 -11.05
N LEU A 52 -15.49 -4.77 -9.84
CA LEU A 52 -15.88 -5.52 -8.65
C LEU A 52 -17.24 -5.14 -8.11
N VAL A 53 -17.48 -3.85 -7.91
CA VAL A 53 -18.69 -3.33 -7.30
C VAL A 53 -19.14 -2.15 -8.13
N TYR A 54 -20.45 -2.01 -8.32
CA TYR A 54 -20.99 -0.86 -9.03
C TYR A 54 -22.11 -0.26 -8.19
N SER A 55 -22.32 1.05 -8.36
CA SER A 55 -23.39 1.79 -7.69
C SER A 55 -23.44 1.49 -6.18
N THR A 56 -22.30 1.73 -5.53
CA THR A 56 -22.12 1.68 -4.08
C THR A 56 -22.03 0.27 -3.53
N ASN A 57 -23.02 -0.57 -3.80
CA ASN A 57 -23.05 -1.85 -3.09
C ASN A 57 -23.47 -3.06 -3.93
N SER A 58 -23.52 -2.97 -5.25
CA SER A 58 -23.88 -4.12 -6.06
C SER A 58 -22.62 -4.81 -6.54
N ARG A 59 -22.48 -6.07 -6.21
CA ARG A 59 -21.33 -6.84 -6.67
CA ARG A 59 -21.33 -6.84 -6.67
C ARG A 59 -21.52 -7.22 -8.14
N VAL A 60 -20.45 -7.08 -8.91
CA VAL A 60 -20.51 -7.49 -10.32
C VAL A 60 -20.69 -9.01 -10.39
N PRO A 61 -21.62 -9.51 -11.20
CA PRO A 61 -21.79 -10.96 -11.34
C PRO A 61 -20.47 -11.66 -11.64
N GLY A 62 -20.23 -12.79 -10.95
CA GLY A 62 -19.03 -13.56 -11.11
C GLY A 62 -17.89 -13.19 -10.16
N VAL A 63 -17.93 -11.99 -9.59
CA VAL A 63 -16.90 -11.55 -8.65
C VAL A 63 -17.04 -12.35 -7.36
N PRO A 64 -15.95 -12.77 -6.72
CA PRO A 64 -16.06 -13.52 -5.46
C PRO A 64 -16.90 -12.76 -4.43
N ALA A 65 -17.67 -13.50 -3.64
CA ALA A 65 -18.58 -12.85 -2.71
C ALA A 65 -17.87 -12.18 -1.55
N ARG A 66 -16.56 -12.39 -1.35
CA ARG A 66 -15.86 -11.72 -0.26
C ARG A 66 -15.69 -10.23 -0.50
N PHE A 67 -16.01 -9.73 -1.69
CA PHE A 67 -15.95 -8.30 -1.97
C PHE A 67 -17.32 -7.68 -1.72
N SER A 68 -17.35 -6.59 -0.95
CA SER A 68 -18.61 -5.89 -0.79
C SER A 68 -18.35 -4.39 -0.69
N GLY A 69 -19.29 -3.61 -1.21
CA GLY A 69 -19.21 -2.15 -1.19
C GLY A 69 -20.25 -1.59 -0.25
N SER A 70 -19.94 -0.44 0.36
CA SER A 70 -20.87 0.22 1.28
C SER A 70 -20.51 1.70 1.40
N LEU A 71 -21.34 2.42 2.13
CA LEU A 71 -20.99 3.76 2.58
C LEU A 71 -20.73 3.67 4.08
N ILE A 72 -19.66 4.32 4.52
CA ILE A 72 -19.33 4.41 5.94
C ILE A 72 -19.23 5.89 6.24
N GLY A 73 -20.22 6.42 6.94
CA GLY A 73 -20.29 7.84 7.21
C GLY A 73 -20.15 8.65 5.95
N ASP A 74 -19.08 9.44 5.87
CA ASP A 74 -18.86 10.38 4.79
C ASP A 74 -18.34 9.75 3.50
N LYS A 75 -17.95 8.48 3.52
CA LYS A 75 -17.20 8.00 2.36
C LYS A 75 -17.70 6.63 1.93
N ALA A 76 -17.22 6.22 0.77
CA ALA A 76 -17.50 4.88 0.26
C ALA A 76 -16.40 3.94 0.72
N ALA A 77 -16.73 2.66 0.79
CA ALA A 77 -15.82 1.65 1.32
C ALA A 77 -15.95 0.36 0.53
N LEU A 78 -14.81 -0.32 0.35
CA LEU A 78 -14.78 -1.66 -0.23
C LEU A 78 -14.19 -2.58 0.83
N THR A 79 -14.92 -3.61 1.19
CA THR A 79 -14.46 -4.54 2.22
C THR A 79 -14.18 -5.89 1.57
N ILE A 80 -13.03 -6.47 1.92
CA ILE A 80 -12.62 -7.79 1.46
C ILE A 80 -12.63 -8.69 2.69
N THR A 81 -13.53 -9.67 2.71
CA THR A 81 -13.77 -10.48 3.90
C THR A 81 -13.07 -11.83 3.70
N GLY A 82 -11.84 -11.92 4.21
CA GLY A 82 -11.06 -13.13 4.06
C GLY A 82 -10.14 -12.99 2.86
N ALA A 83 -9.18 -12.07 2.97
CA ALA A 83 -8.31 -11.76 1.85
C ALA A 83 -7.60 -13.00 1.32
N GLN A 84 -7.56 -13.11 0.00
CA GLN A 84 -6.84 -14.18 -0.68
C GLN A 84 -5.55 -13.62 -1.27
N ALA A 85 -4.57 -14.52 -1.46
CA ALA A 85 -3.28 -14.09 -2.00
C ALA A 85 -3.44 -13.28 -3.28
N GLU A 86 -4.35 -13.72 -4.13
CA GLU A 86 -4.55 -13.09 -5.43
C GLU A 86 -5.26 -11.75 -5.31
N ASP A 87 -5.64 -11.33 -4.11
CA ASP A 87 -6.27 -10.03 -3.95
C ASP A 87 -5.25 -8.90 -3.86
N GLU A 88 -3.96 -9.23 -3.79
CA GLU A 88 -2.93 -8.21 -3.87
C GLU A 88 -2.99 -7.53 -5.22
N ALA A 89 -3.29 -6.23 -5.23
CA ALA A 89 -3.68 -5.52 -6.45
C ALA A 89 -3.83 -4.04 -6.10
N ILE A 90 -4.10 -3.22 -7.12
CA ILE A 90 -4.48 -1.83 -6.93
C ILE A 90 -5.99 -1.71 -7.14
N TYR A 91 -6.66 -1.06 -6.19
CA TYR A 91 -8.12 -0.92 -6.20
C TYR A 91 -8.45 0.55 -6.39
N PHE A 92 -9.24 0.87 -7.41
CA PHE A 92 -9.64 2.24 -7.69
C PHE A 92 -11.13 2.39 -7.40
N CYS A 93 -11.51 3.53 -6.83
CA CYS A 93 -12.92 3.90 -6.89
C CYS A 93 -13.09 5.01 -7.93
N THR A 94 -14.33 5.17 -8.38
CA THR A 94 -14.64 6.31 -9.23
C THR A 94 -16.03 6.83 -8.86
N LEU A 95 -16.19 8.16 -8.87
CA LEU A 95 -17.41 8.81 -8.44
C LEU A 95 -17.99 9.65 -9.57
N TRP A 96 -19.31 9.71 -9.61
CA TRP A 96 -20.05 10.51 -10.60
C TRP A 96 -20.45 11.85 -10.02
N TYR A 97 -20.10 12.93 -10.71
CA TYR A 97 -20.35 14.29 -10.26
C TYR A 97 -21.24 15.00 -11.27
N SER A 98 -22.50 14.55 -11.39
CA SER A 98 -23.55 15.19 -12.18
C SER A 98 -23.34 15.05 -13.69
N ASN A 99 -22.11 15.25 -14.16
CA ASN A 99 -21.88 15.15 -15.59
C ASN A 99 -20.49 14.64 -15.93
N HIS A 100 -19.74 14.08 -14.99
CA HIS A 100 -18.43 13.50 -15.30
C HIS A 100 -18.05 12.53 -14.19
N TRP A 101 -17.12 11.62 -14.53
CA TRP A 101 -16.56 10.66 -13.57
C TRP A 101 -15.18 11.13 -13.14
N VAL A 102 -14.86 10.97 -11.86
CA VAL A 102 -13.53 11.26 -11.31
C VAL A 102 -13.03 9.99 -10.63
N PHE A 103 -11.85 9.54 -11.03
CA PHE A 103 -11.23 8.37 -10.40
C PHE A 103 -10.44 8.80 -9.18
N GLY A 104 -10.48 7.98 -8.13
CA GLY A 104 -9.52 8.11 -7.07
C GLY A 104 -8.13 7.71 -7.52
N GLY A 105 -7.16 7.91 -6.64
CA GLY A 105 -5.78 7.62 -6.99
C GLY A 105 -5.36 6.17 -6.85
N GLY A 106 -6.24 5.33 -6.30
CA GLY A 106 -5.97 3.91 -6.18
C GLY A 106 -5.29 3.56 -4.86
N THR A 107 -5.66 2.40 -4.31
CA THR A 107 -4.99 1.84 -3.13
C THR A 107 -4.22 0.60 -3.54
N LYS A 108 -2.92 0.59 -3.27
CA LYS A 108 -2.11 -0.62 -3.46
C LYS A 108 -2.30 -1.49 -2.22
N LEU A 109 -3.02 -2.61 -2.39
CA LEU A 109 -3.25 -3.55 -1.30
C LEU A 109 -2.19 -4.64 -1.36
N THR A 110 -1.39 -4.72 -0.31
CA THR A 110 -0.46 -5.82 -0.10
C THR A 110 -1.15 -6.90 0.72
N VAL A 111 -1.04 -8.15 0.28
CA VAL A 111 -1.48 -9.31 1.05
C VAL A 111 -0.20 -10.01 1.49
N LEU A 112 0.09 -9.98 2.79
CA LEU A 112 1.38 -10.44 3.31
C LEU A 112 1.68 -11.87 2.87
N GLY A 113 2.96 -12.15 2.66
CA GLY A 113 3.39 -13.48 2.26
C GLY A 113 4.50 -13.46 1.22
N GLN A 130 -17.73 -14.66 -19.71
CA GLN A 130 -18.61 -14.60 -20.87
C GLN A 130 -18.55 -13.23 -21.54
N VAL A 131 -18.79 -12.18 -20.76
CA VAL A 131 -18.64 -10.83 -21.29
C VAL A 131 -17.18 -10.61 -21.62
N GLN A 132 -16.90 -10.18 -22.86
CA GLN A 132 -15.53 -9.95 -23.30
C GLN A 132 -15.46 -8.64 -24.09
N LEU A 133 -14.54 -7.78 -23.68
CA LEU A 133 -14.23 -6.55 -24.39
C LEU A 133 -12.79 -6.67 -24.87
N GLN A 134 -12.61 -6.68 -26.19
CA GLN A 134 -11.34 -7.03 -26.81
C GLN A 134 -10.72 -5.81 -27.47
N GLN A 135 -9.50 -5.48 -27.09
CA GLN A 135 -8.77 -4.34 -27.61
C GLN A 135 -7.40 -4.77 -28.11
N PRO A 136 -6.91 -4.14 -29.18
CA PRO A 136 -5.54 -4.39 -29.62
C PRO A 136 -4.55 -3.96 -28.56
N GLY A 137 -3.41 -4.65 -28.49
CA GLY A 137 -2.48 -4.42 -27.40
C GLY A 137 -1.77 -3.07 -27.48
N ALA A 138 -1.42 -2.63 -28.67
CA ALA A 138 -0.60 -1.43 -28.81
C ALA A 138 -0.67 -0.92 -30.23
N GLU A 139 -0.37 0.37 -30.37
CA GLU A 139 -0.30 0.99 -31.69
C GLU A 139 0.61 2.20 -31.60
N LEU A 140 1.46 2.38 -32.61
CA LEU A 140 2.32 3.53 -32.72
C LEU A 140 1.83 4.41 -33.87
N VAL A 141 1.69 5.70 -33.60
CA VAL A 141 1.15 6.64 -34.58
C VAL A 141 1.97 7.92 -34.53
N LYS A 142 1.86 8.72 -35.60
CA LYS A 142 2.64 9.94 -35.68
C LYS A 142 1.85 11.13 -35.15
N PRO A 143 2.55 12.16 -34.66
CA PRO A 143 1.84 13.36 -34.21
C PRO A 143 1.13 14.04 -35.36
N GLY A 144 0.02 14.73 -35.02
CA GLY A 144 -0.80 15.38 -36.00
C GLY A 144 -1.73 14.46 -36.76
N ALA A 145 -1.51 13.15 -36.70
CA ALA A 145 -2.42 12.21 -37.33
C ALA A 145 -3.63 11.98 -36.42
N SER A 146 -4.56 11.16 -36.90
CA SER A 146 -5.64 10.68 -36.07
C SER A 146 -5.55 9.16 -36.03
N VAL A 147 -6.22 8.58 -35.04
CA VAL A 147 -6.22 7.13 -34.87
C VAL A 147 -7.61 6.73 -34.40
N LYS A 148 -8.05 5.57 -34.83
CA LYS A 148 -9.34 5.03 -34.38
C LYS A 148 -9.09 3.71 -33.65
N LEU A 149 -9.28 3.71 -32.33
CA LEU A 149 -9.11 2.51 -31.50
C LEU A 149 -10.41 1.73 -31.40
N SER A 150 -10.31 0.41 -31.44
CA SER A 150 -11.49 -0.45 -31.47
C SER A 150 -11.63 -1.25 -30.18
N CYS A 151 -12.88 -1.60 -29.87
CA CYS A 151 -13.26 -2.35 -28.68
C CYS A 151 -14.34 -3.33 -29.12
N LYS A 152 -13.92 -4.54 -29.45
CA LYS A 152 -14.81 -5.56 -29.98
C LYS A 152 -15.41 -6.34 -28.81
N THR A 153 -16.74 -6.39 -28.73
CA THR A 153 -17.41 -7.02 -27.60
C THR A 153 -18.02 -8.36 -27.98
N SER A 154 -18.36 -9.14 -26.95
CA SER A 154 -19.09 -10.38 -27.10
C SER A 154 -19.64 -10.78 -25.74
N GLY A 155 -20.59 -11.73 -25.76
CA GLY A 155 -21.15 -12.25 -24.52
C GLY A 155 -22.30 -11.47 -23.94
N TYR A 156 -22.81 -10.45 -24.63
CA TYR A 156 -23.94 -9.68 -24.15
C TYR A 156 -24.55 -8.95 -25.34
N THR A 157 -25.75 -8.42 -25.13
CA THR A 157 -26.47 -7.73 -26.20
C THR A 157 -25.93 -6.31 -26.29
N PHE A 158 -24.99 -6.10 -27.21
CA PHE A 158 -24.25 -4.84 -27.31
C PHE A 158 -25.13 -3.59 -27.32
N PRO A 159 -26.23 -3.51 -28.06
CA PRO A 159 -27.03 -2.27 -28.06
C PRO A 159 -27.65 -1.91 -26.73
N TYR A 160 -27.68 -2.81 -25.76
CA TYR A 160 -28.36 -2.51 -24.49
C TYR A 160 -27.40 -1.97 -23.44
N TYR A 161 -26.15 -1.71 -23.79
CA TYR A 161 -25.20 -1.15 -22.84
C TYR A 161 -24.42 -0.04 -23.50
N TRP A 162 -24.10 0.98 -22.72
CA TRP A 162 -23.16 2.02 -23.11
C TRP A 162 -21.74 1.45 -23.15
N MET A 163 -20.83 2.24 -23.72
CA MET A 163 -19.40 1.95 -23.64
C MET A 163 -18.68 3.21 -23.18
N HIS A 164 -17.96 3.11 -22.07
CA HIS A 164 -17.08 4.17 -21.60
C HIS A 164 -15.69 3.99 -22.18
N TRP A 165 -14.93 5.08 -22.21
CA TRP A 165 -13.51 5.04 -22.51
C TRP A 165 -12.74 5.78 -21.42
N VAL A 166 -11.60 5.22 -21.04
CA VAL A 166 -10.77 5.73 -19.94
C VAL A 166 -9.33 5.69 -20.41
N ASN A 167 -8.52 6.66 -20.03
CA ASN A 167 -7.13 6.53 -20.38
C ASN A 167 -6.24 6.72 -19.16
N GLN A 168 -4.99 6.29 -19.31
CA GLN A 168 -4.02 6.32 -18.23
C GLN A 168 -2.67 6.62 -18.86
N ARG A 169 -2.22 7.86 -18.72
CA ARG A 169 -0.91 8.24 -19.20
C ARG A 169 0.16 7.61 -18.30
N PRO A 170 1.37 7.41 -18.81
CA PRO A 170 2.42 6.79 -17.99
C PRO A 170 2.65 7.58 -16.70
N GLY A 171 2.65 6.86 -15.58
CA GLY A 171 2.86 7.47 -14.29
C GLY A 171 1.75 8.36 -13.80
N ARG A 172 0.63 8.47 -14.54
CA ARG A 172 -0.49 9.31 -14.17
C ARG A 172 -1.67 8.44 -13.74
N GLY A 173 -2.74 9.10 -13.31
CA GLY A 173 -3.93 8.40 -12.86
C GLY A 173 -4.88 8.12 -14.01
N LEU A 174 -6.00 7.51 -13.66
CA LEU A 174 -7.05 7.22 -14.64
C LEU A 174 -7.88 8.46 -14.93
N GLU A 175 -8.21 8.69 -16.20
CA GLU A 175 -9.04 9.81 -16.61
C GLU A 175 -10.18 9.31 -17.49
N TRP A 176 -11.41 9.65 -17.11
CA TRP A 176 -12.55 9.33 -17.95
C TRP A 176 -12.56 10.18 -19.22
N ILE A 177 -12.74 9.54 -20.36
CA ILE A 177 -12.82 10.25 -21.65
C ILE A 177 -14.25 10.61 -22.00
N GLY A 178 -15.14 9.63 -21.90
CA GLY A 178 -16.53 9.82 -22.28
C GLY A 178 -17.19 8.48 -22.46
N ARG A 179 -18.45 8.53 -22.90
CA ARG A 179 -19.18 7.29 -23.17
C ARG A 179 -20.12 7.52 -24.34
N ILE A 180 -20.55 6.40 -24.92
CA ILE A 180 -21.51 6.42 -26.01
C ILE A 180 -22.59 5.39 -25.73
N ASP A 181 -23.83 5.77 -26.02
CA ASP A 181 -24.96 4.86 -25.96
C ASP A 181 -25.20 4.35 -27.37
N PRO A 182 -25.03 3.06 -27.64
CA PRO A 182 -25.19 2.57 -29.02
C PRO A 182 -26.60 2.73 -29.52
N ASN A 183 -27.57 2.88 -28.62
CA ASN A 183 -28.95 3.11 -29.02
C ASN A 183 -29.11 4.60 -29.30
N GLY A 184 -28.79 4.98 -30.53
CA GLY A 184 -28.89 6.37 -30.93
C GLY A 184 -27.57 7.10 -30.97
N GLY A 185 -26.49 6.47 -30.49
CA GLY A 185 -25.18 7.11 -30.58
C GLY A 185 -24.97 8.30 -29.69
N GLY A 186 -25.85 8.54 -28.71
CA GLY A 186 -25.67 9.69 -27.84
C GLY A 186 -24.37 9.60 -27.05
N THR A 187 -23.61 10.70 -27.03
CA THR A 187 -22.33 10.70 -26.34
C THR A 187 -22.31 11.71 -25.19
N ARG A 188 -21.36 11.49 -24.28
CA ARG A 188 -20.98 12.49 -23.30
C ARG A 188 -19.48 12.41 -23.14
N TYR A 189 -18.84 13.57 -23.04
CA TYR A 189 -17.38 13.66 -22.92
C TYR A 189 -17.00 14.41 -21.66
N SER A 190 -15.85 14.03 -21.10
CA SER A 190 -15.24 14.86 -20.08
C SER A 190 -14.73 16.16 -20.68
N GLU A 191 -14.58 17.16 -19.81
CA GLU A 191 -14.07 18.45 -20.26
C GLU A 191 -12.72 18.31 -20.96
N LYS A 192 -11.86 17.44 -20.41
CA LYS A 192 -10.52 17.26 -20.97
C LYS A 192 -10.54 16.70 -22.39
N PHE A 193 -11.55 15.92 -22.75
CA PHE A 193 -11.56 15.23 -24.04
C PHE A 193 -12.67 15.73 -24.96
N LYS A 194 -13.38 16.79 -24.58
CA LYS A 194 -14.58 17.16 -25.31
C LYS A 194 -14.29 17.60 -26.74
N SER A 195 -13.06 18.04 -27.03
CA SER A 195 -12.72 18.40 -28.40
C SER A 195 -11.60 17.52 -28.96
N LYS A 196 -11.31 16.40 -28.29
CA LYS A 196 -10.26 15.48 -28.71
C LYS A 196 -10.82 14.17 -29.24
N ALA A 197 -11.82 13.61 -28.57
CA ALA A 197 -12.29 12.26 -28.85
C ALA A 197 -13.62 12.30 -29.60
N THR A 198 -13.80 11.32 -30.48
CA THR A 198 -15.08 11.04 -31.14
C THR A 198 -15.43 9.58 -30.94
N LEU A 199 -16.55 9.32 -30.27
CA LEU A 199 -16.99 7.95 -30.05
C LEU A 199 -18.01 7.55 -31.11
N THR A 200 -17.86 6.34 -31.63
CA THR A 200 -18.83 5.74 -32.54
C THR A 200 -18.98 4.27 -32.17
N VAL A 201 -19.97 3.62 -32.77
CA VAL A 201 -20.17 2.19 -32.64
C VAL A 201 -20.50 1.63 -34.01
N ASP A 202 -20.25 0.34 -34.18
CA ASP A 202 -20.75 -0.44 -35.31
C ASP A 202 -21.53 -1.62 -34.73
N LYS A 203 -22.85 -1.50 -34.71
CA LYS A 203 -23.68 -2.53 -34.11
C LYS A 203 -23.59 -3.88 -34.81
N PRO A 204 -23.54 -3.99 -36.15
CA PRO A 204 -23.45 -5.32 -36.76
C PRO A 204 -22.21 -6.10 -36.33
N SER A 205 -21.11 -5.41 -36.02
CA SER A 205 -19.91 -6.09 -35.52
C SER A 205 -19.76 -5.96 -34.01
N ASN A 206 -20.74 -5.38 -33.33
CA ASN A 206 -20.72 -5.24 -31.86
C ASN A 206 -19.41 -4.63 -31.37
N THR A 207 -18.96 -3.59 -32.07
CA THR A 207 -17.66 -2.98 -31.81
C THR A 207 -17.85 -1.50 -31.49
N ALA A 208 -17.16 -1.03 -30.46
CA ALA A 208 -17.13 0.38 -30.11
C ALA A 208 -15.82 0.97 -30.59
N TYR A 209 -15.86 2.23 -31.04
CA TYR A 209 -14.67 2.89 -31.54
C TYR A 209 -14.44 4.21 -30.83
N MET A 210 -13.16 4.57 -30.68
CA MET A 210 -12.79 5.88 -30.18
C MET A 210 -11.76 6.47 -31.12
N GLN A 211 -12.06 7.61 -31.68
CA GLN A 211 -11.13 8.29 -32.58
C GLN A 211 -10.52 9.46 -31.84
N LEU A 212 -9.21 9.60 -31.94
CA LEU A 212 -8.50 10.72 -31.34
C LEU A 212 -7.91 11.56 -32.46
N SER A 213 -8.16 12.85 -32.43
CA SER A 213 -7.66 13.69 -33.52
C SER A 213 -6.55 14.61 -33.01
N SER A 214 -5.77 15.13 -33.96
CA SER A 214 -4.71 16.09 -33.67
C SER A 214 -3.76 15.55 -32.61
N LEU A 215 -3.27 14.34 -32.86
CA LEU A 215 -2.49 13.62 -31.86
C LEU A 215 -1.20 14.36 -31.52
N THR A 216 -0.89 14.41 -30.22
CA THR A 216 0.38 14.91 -29.71
C THR A 216 0.97 13.87 -28.79
N SER A 217 2.24 14.06 -28.42
CA SER A 217 2.91 13.08 -27.57
C SER A 217 2.20 12.95 -26.22
N GLU A 218 1.52 14.01 -25.78
CA GLU A 218 0.74 13.92 -24.56
C GLU A 218 -0.47 13.01 -24.70
N ASP A 219 -0.81 12.57 -25.90
CA ASP A 219 -1.87 11.58 -26.07
C ASP A 219 -1.37 10.15 -25.84
N SER A 220 -0.07 9.96 -25.65
CA SER A 220 0.44 8.62 -25.36
C SER A 220 -0.10 8.13 -24.02
N ALA A 221 -0.73 6.95 -24.04
CA ALA A 221 -1.39 6.42 -22.86
C ALA A 221 -1.94 5.02 -23.19
N VAL A 222 -2.41 4.34 -22.16
CA VAL A 222 -3.23 3.14 -22.37
C VAL A 222 -4.69 3.60 -22.39
N TYR A 223 -5.44 3.17 -23.39
CA TYR A 223 -6.84 3.53 -23.57
C TYR A 223 -7.68 2.29 -23.33
N TYR A 224 -8.61 2.36 -22.38
CA TYR A 224 -9.49 1.26 -22.02
C TYR A 224 -10.91 1.55 -22.50
N CYS A 225 -11.61 0.51 -22.93
CA CYS A 225 -13.06 0.58 -23.00
C CYS A 225 -13.63 -0.18 -21.82
N ALA A 226 -14.78 0.30 -21.33
CA ALA A 226 -15.42 -0.33 -20.19
C ALA A 226 -16.91 -0.16 -20.35
N ARG A 227 -17.65 -1.24 -20.07
CA ARG A 227 -19.08 -1.24 -20.28
C ARG A 227 -19.79 -0.39 -19.21
N GLY A 228 -20.95 0.13 -19.58
CA GLY A 228 -21.80 0.78 -18.61
C GLY A 228 -23.23 0.85 -19.11
N LYS A 229 -24.05 1.53 -18.33
CA LYS A 229 -25.46 1.81 -18.60
C LYS A 229 -25.97 2.54 -17.36
N LEU A 230 -27.15 3.15 -17.47
CA LEU A 230 -27.70 3.86 -16.33
C LEU A 230 -27.73 2.93 -15.12
N GLY A 231 -27.15 3.40 -14.02
CA GLY A 231 -27.14 2.65 -12.78
C GLY A 231 -26.15 1.51 -12.71
N GLN A 232 -25.27 1.35 -13.70
CA GLN A 232 -24.36 0.18 -13.67
C GLN A 232 -23.17 0.44 -14.59
N HIS A 233 -22.09 0.96 -14.02
CA HIS A 233 -20.95 1.44 -14.79
C HIS A 233 -19.65 0.74 -14.43
N PHE A 234 -18.82 0.53 -15.45
CA PHE A 234 -17.44 0.04 -15.33
C PHE A 234 -17.38 -1.39 -14.78
N ASP A 235 -18.37 -2.22 -15.13
CA ASP A 235 -18.39 -3.58 -14.59
C ASP A 235 -17.48 -4.53 -15.36
N TYR A 236 -17.25 -4.30 -16.64
CA TYR A 236 -16.36 -5.13 -17.44
C TYR A 236 -15.46 -4.23 -18.27
N TRP A 237 -14.18 -4.58 -18.34
CA TRP A 237 -13.16 -3.74 -18.97
C TRP A 237 -12.47 -4.47 -20.11
N GLY A 238 -12.15 -3.74 -21.18
CA GLY A 238 -11.18 -4.20 -22.15
C GLY A 238 -9.79 -4.26 -21.55
N GLN A 239 -8.87 -4.90 -22.27
CA GLN A 239 -7.52 -5.02 -21.71
C GLN A 239 -6.68 -3.78 -21.94
N GLY A 240 -7.16 -2.82 -22.72
CA GLY A 240 -6.42 -1.59 -22.96
C GLY A 240 -5.54 -1.65 -24.20
N THR A 241 -5.43 -0.51 -24.89
CA THR A 241 -4.53 -0.35 -26.04
C THR A 241 -3.49 0.68 -25.66
N ALA A 242 -2.22 0.28 -25.67
CA ALA A 242 -1.13 1.20 -25.38
C ALA A 242 -0.86 2.00 -26.65
N LEU A 243 -1.33 3.24 -26.68
CA LEU A 243 -1.13 4.11 -27.84
C LEU A 243 0.13 4.95 -27.60
N THR A 244 1.10 4.86 -28.51
CA THR A 244 2.28 5.71 -28.45
C THR A 244 2.24 6.70 -29.61
N VAL A 245 2.32 7.98 -29.29
CA VAL A 245 2.42 9.04 -30.29
C VAL A 245 3.87 9.49 -30.31
N SER A 246 4.58 9.12 -31.37
CA SER A 246 6.03 9.32 -31.48
C SER A 246 6.50 10.73 -31.17
N ALA B 5 12.78 -1.09 -1.98
CA ALA B 5 12.96 -2.53 -1.84
C ALA B 5 11.85 -3.13 -0.98
N VAL B 6 11.54 -4.39 -1.22
CA VAL B 6 10.44 -5.08 -0.57
C VAL B 6 11.00 -6.30 0.12
N VAL B 7 10.74 -6.41 1.42
CA VAL B 7 11.22 -7.51 2.24
C VAL B 7 10.00 -8.35 2.59
N THR B 8 10.02 -9.63 2.21
CA THR B 8 8.86 -10.48 2.37
C THR B 8 9.13 -11.60 3.36
N GLN B 9 8.15 -11.84 4.23
CA GLN B 9 8.18 -12.91 5.19
C GLN B 9 6.91 -13.73 5.05
N GLU B 10 6.94 -14.96 5.56
CA GLU B 10 5.71 -15.74 5.67
C GLU B 10 4.67 -14.91 6.41
N SER B 11 3.43 -14.95 5.92
CA SER B 11 2.39 -14.15 6.56
C SER B 11 2.13 -14.65 7.98
N ALA B 12 2.12 -15.96 8.16
CA ALA B 12 1.74 -16.54 9.43
C ALA B 12 2.14 -18.01 9.42
N LEU B 13 2.52 -18.50 10.59
CA LEU B 13 2.81 -19.91 10.82
C LEU B 13 2.11 -20.36 12.09
N THR B 14 1.68 -21.61 12.12
CA THR B 14 1.16 -22.24 13.34
C THR B 14 2.04 -23.44 13.65
N THR B 15 2.54 -23.51 14.90
CA THR B 15 3.40 -24.61 15.31
C THR B 15 2.83 -25.25 16.56
N SER B 16 3.11 -26.54 16.70
CA SER B 16 2.82 -27.18 17.97
C SER B 16 3.98 -26.90 18.93
N PRO B 17 3.72 -26.86 20.23
CA PRO B 17 4.82 -26.63 21.18
C PRO B 17 5.86 -27.73 21.09
N GLY B 18 7.13 -27.35 21.22
CA GLY B 18 8.24 -28.26 21.14
C GLY B 18 8.74 -28.53 19.74
N GLU B 19 8.00 -28.09 18.72
CA GLU B 19 8.48 -28.32 17.37
C GLU B 19 9.50 -27.26 16.98
N THR B 20 10.19 -27.51 15.88
CA THR B 20 11.15 -26.57 15.33
C THR B 20 10.44 -25.77 14.24
N VAL B 21 10.58 -24.45 14.31
CA VAL B 21 9.94 -23.53 13.37
C VAL B 21 11.02 -22.75 12.66
N THR B 22 10.86 -22.55 11.35
CA THR B 22 11.77 -21.72 10.58
C THR B 22 10.97 -20.57 9.96
N LEU B 23 11.41 -19.35 10.22
CA LEU B 23 10.85 -18.15 9.65
C LEU B 23 11.87 -17.60 8.66
N THR B 24 11.40 -17.07 7.52
CA THR B 24 12.36 -16.59 6.55
C THR B 24 12.07 -15.16 6.14
N CYS B 25 13.06 -14.59 5.47
CA CYS B 25 13.11 -13.16 5.19
C CYS B 25 13.76 -13.01 3.83
N ARG B 26 12.96 -12.66 2.82
CA ARG B 26 13.42 -12.58 1.44
C ARG B 26 13.47 -11.11 1.02
N SER B 27 14.46 -10.77 0.20
CA SER B 27 14.59 -9.41 -0.31
C SER B 27 14.35 -9.39 -1.82
N SER B 28 13.67 -8.34 -2.29
CA SER B 28 13.59 -8.13 -3.74
C SER B 28 14.92 -7.65 -4.32
N THR B 29 15.90 -7.33 -3.48
CA THR B 29 17.21 -6.91 -3.95
C THR B 29 18.07 -8.06 -4.45
N GLY B 30 17.58 -9.29 -4.38
CA GLY B 30 18.40 -10.44 -4.70
C GLY B 30 18.72 -11.26 -3.46
N ALA B 31 19.93 -11.80 -3.37
CA ALA B 31 20.27 -12.60 -2.22
C ALA B 31 20.46 -11.71 -0.99
N VAL B 32 19.99 -12.18 0.16
CA VAL B 32 20.34 -11.56 1.43
C VAL B 32 21.74 -12.00 1.80
N THR B 33 22.62 -11.04 2.09
CA THR B 33 23.99 -11.31 2.48
C THR B 33 24.24 -10.73 3.87
N THR B 34 25.40 -11.07 4.45
CA THR B 34 25.74 -10.51 5.75
C THR B 34 25.88 -9.00 5.68
N SER B 35 26.18 -8.44 4.51
CA SER B 35 26.24 -6.99 4.41
C SER B 35 24.88 -6.34 4.49
N ASN B 36 23.79 -7.11 4.53
CA ASN B 36 22.46 -6.57 4.81
C ASN B 36 22.17 -6.50 6.30
N TYR B 37 23.05 -7.05 7.15
CA TYR B 37 22.94 -6.99 8.61
C TYR B 37 21.52 -7.26 9.11
N VAL B 38 20.95 -8.39 8.68
CA VAL B 38 19.56 -8.68 9.00
CA VAL B 38 19.55 -8.66 9.00
C VAL B 38 19.38 -8.82 10.51
N ASN B 39 18.31 -8.20 11.03
CA ASN B 39 17.96 -8.32 12.42
C ASN B 39 16.55 -8.87 12.55
N TRP B 40 16.33 -9.62 13.62
CA TRP B 40 15.04 -10.24 13.92
C TRP B 40 14.55 -9.66 15.23
N VAL B 41 13.33 -9.13 15.23
CA VAL B 41 12.70 -8.58 16.42
C VAL B 41 11.33 -9.24 16.59
N GLN B 42 10.89 -9.29 17.84
CA GLN B 42 9.68 -9.98 18.25
C GLN B 42 8.71 -8.96 18.83
N GLU B 43 7.48 -8.93 18.32
CA GLU B 43 6.42 -8.06 18.86
C GLU B 43 5.40 -8.91 19.59
N LYS B 44 5.19 -8.62 20.86
CA LYS B 44 4.18 -9.24 21.70
C LYS B 44 3.11 -8.23 22.05
N PRO B 45 1.96 -8.68 22.58
CA PRO B 45 0.81 -7.78 22.77
C PRO B 45 1.16 -6.52 23.53
N ASP B 46 0.50 -5.43 23.12
CA ASP B 46 0.68 -4.07 23.63
C ASP B 46 1.95 -3.45 23.05
N HIS B 47 2.26 -3.76 21.79
CA HIS B 47 3.38 -3.13 21.07
C HIS B 47 4.69 -3.32 21.80
N LEU B 48 4.93 -4.53 22.30
CA LEU B 48 6.13 -4.84 23.08
C LEU B 48 7.13 -5.51 22.16
N PHE B 49 8.12 -4.75 21.71
CA PHE B 49 9.18 -5.24 20.83
C PHE B 49 10.42 -5.59 21.64
N THR B 50 11.02 -6.73 21.32
CA THR B 50 12.31 -7.13 21.86
C THR B 50 13.19 -7.64 20.73
N GLY B 51 14.49 -7.33 20.78
CA GLY B 51 15.40 -7.85 19.76
C GLY B 51 15.79 -9.27 20.09
N LEU B 52 15.87 -10.11 19.06
CA LEU B 52 16.25 -11.50 19.23
C LEU B 52 17.62 -11.81 18.65
N VAL B 53 17.85 -11.41 17.40
CA VAL B 53 19.05 -11.70 16.64
C VAL B 53 19.45 -10.43 15.90
N TYR B 54 20.76 -10.13 15.87
CA TYR B 54 21.24 -9.03 15.05
C TYR B 54 22.37 -9.52 14.15
N SER B 55 22.54 -8.82 13.03
CA SER B 55 23.62 -9.09 12.08
C SER B 55 23.70 -10.58 11.73
N THR B 56 22.57 -11.07 11.21
CA THR B 56 22.40 -12.42 10.68
C THR B 56 22.30 -13.48 11.77
N ASN B 57 23.30 -13.59 12.66
CA ASN B 57 23.31 -14.77 13.51
C ASN B 57 23.80 -14.52 14.94
N SER B 58 23.87 -13.28 15.40
CA SER B 58 24.23 -13.00 16.79
C SER B 58 22.97 -12.88 17.64
N ARG B 59 22.86 -13.68 18.68
CA ARG B 59 21.72 -13.54 19.58
C ARG B 59 21.94 -12.34 20.48
N VAL B 60 20.86 -11.63 20.77
CA VAL B 60 20.90 -10.57 21.77
C VAL B 60 21.14 -11.19 23.14
N PRO B 61 22.02 -10.63 23.98
CA PRO B 61 22.27 -11.23 25.30
C PRO B 61 20.98 -11.50 26.06
N GLY B 62 20.89 -12.68 26.67
CA GLY B 62 19.73 -13.10 27.41
C GLY B 62 18.67 -13.82 26.59
N VAL B 63 18.71 -13.70 25.27
CA VAL B 63 17.71 -14.39 24.44
C VAL B 63 17.95 -15.89 24.50
N PRO B 64 16.91 -16.72 24.65
CA PRO B 64 17.12 -18.17 24.77
C PRO B 64 17.90 -18.74 23.60
N ALA B 65 18.71 -19.75 23.89
CA ALA B 65 19.53 -20.39 22.88
C ALA B 65 18.73 -21.12 21.81
N ARG B 66 17.43 -21.39 22.01
CA ARG B 66 16.66 -22.04 20.95
C ARG B 66 16.43 -21.15 19.74
N PHE B 67 16.71 -19.85 19.84
CA PHE B 67 16.65 -18.94 18.70
C PHE B 67 18.00 -18.91 17.99
N SER B 68 18.00 -19.14 16.69
CA SER B 68 19.24 -18.96 15.96
C SER B 68 18.95 -18.35 14.59
N GLY B 69 19.87 -17.49 14.14
CA GLY B 69 19.73 -16.83 12.84
C GLY B 69 20.73 -17.40 11.85
N SER B 70 20.33 -17.43 10.57
CA SER B 70 21.22 -17.93 9.54
C SER B 70 20.83 -17.30 8.21
N LEU B 71 21.69 -17.50 7.21
CA LEU B 71 21.31 -17.28 5.83
C LEU B 71 21.10 -18.64 5.17
N ILE B 72 20.02 -18.76 4.40
CA ILE B 72 19.75 -20.03 3.73
C ILE B 72 19.06 -19.77 2.39
N GLY B 73 19.66 -20.26 1.32
CA GLY B 73 19.03 -20.19 0.00
C GLY B 73 18.60 -18.80 -0.43
N ASP B 74 19.50 -17.83 -0.28
CA ASP B 74 19.34 -16.42 -0.63
C ASP B 74 18.40 -15.67 0.30
N LYS B 75 17.88 -16.31 1.35
CA LYS B 75 17.04 -15.67 2.36
C LYS B 75 17.77 -15.67 3.69
N ALA B 76 17.29 -14.85 4.60
CA ALA B 76 17.69 -14.94 6.00
C ALA B 76 16.63 -15.76 6.71
N ALA B 77 17.06 -16.48 7.74
CA ALA B 77 16.13 -17.34 8.45
C ALA B 77 16.37 -17.24 9.94
N LEU B 78 15.27 -17.29 10.69
CA LEU B 78 15.27 -17.45 12.13
C LEU B 78 14.67 -18.82 12.46
N THR B 79 15.44 -19.65 13.14
CA THR B 79 14.98 -20.97 13.52
C THR B 79 14.70 -20.97 15.02
N ILE B 80 13.52 -21.46 15.40
CA ILE B 80 13.15 -21.61 16.81
C ILE B 80 13.13 -23.10 17.10
N THR B 81 14.12 -23.59 17.86
CA THR B 81 14.28 -25.03 18.05
C THR B 81 13.58 -25.45 19.35
N GLY B 82 12.31 -25.84 19.22
CA GLY B 82 11.51 -26.20 20.37
C GLY B 82 10.63 -25.05 20.81
N ALA B 83 9.58 -24.78 20.05
CA ALA B 83 8.73 -23.62 20.30
C ALA B 83 8.09 -23.69 21.69
N GLN B 84 8.18 -22.58 22.41
CA GLN B 84 7.58 -22.43 23.73
C GLN B 84 6.31 -21.60 23.63
N ALA B 85 5.44 -21.75 24.64
CA ALA B 85 4.17 -21.02 24.64
C ALA B 85 4.42 -19.52 24.49
N GLU B 86 5.44 -19.01 25.16
CA GLU B 86 5.75 -17.60 25.13
C GLU B 86 6.37 -17.15 23.80
N ASP B 87 6.65 -18.07 22.88
CA ASP B 87 7.17 -17.67 21.58
C ASP B 87 6.07 -17.21 20.62
N GLU B 88 4.80 -17.33 21.02
CA GLU B 88 3.73 -16.81 20.17
C GLU B 88 3.83 -15.29 20.10
N ALA B 89 3.98 -14.77 18.90
CA ALA B 89 4.35 -13.37 18.70
C ALA B 89 4.38 -13.10 17.20
N ILE B 90 4.55 -11.83 16.84
CA ILE B 90 4.84 -11.44 15.46
C ILE B 90 6.34 -11.19 15.34
N TYR B 91 6.95 -11.78 14.33
CA TYR B 91 8.40 -11.72 14.14
C TYR B 91 8.68 -10.90 12.90
N PHE B 92 9.48 -9.83 13.06
CA PHE B 92 9.86 -8.99 11.95
C PHE B 92 11.34 -9.16 11.66
N CYS B 93 11.70 -9.12 10.37
CA CYS B 93 13.09 -8.95 10.03
C CYS B 93 13.28 -7.56 9.47
N THR B 94 14.51 -7.09 9.49
CA THR B 94 14.82 -5.81 8.89
C THR B 94 16.20 -5.91 8.25
N LEU B 95 16.36 -5.20 7.15
CA LEU B 95 17.46 -5.40 6.23
C LEU B 95 18.03 -4.04 5.84
N TRP B 96 19.36 -3.96 5.73
CA TRP B 96 20.05 -2.72 5.38
C TRP B 96 20.36 -2.72 3.90
N TYR B 97 19.78 -1.76 3.17
CA TYR B 97 20.00 -1.69 1.73
C TYR B 97 19.86 -0.24 1.29
N SER B 98 20.85 0.23 0.53
CA SER B 98 20.80 1.55 -0.10
C SER B 98 20.58 2.63 0.95
N ASN B 99 21.35 2.54 2.04
CA ASN B 99 21.37 3.54 3.10
C ASN B 99 20.05 3.64 3.85
N HIS B 100 19.26 2.57 3.83
CA HIS B 100 17.96 2.50 4.46
C HIS B 100 17.81 1.15 5.15
N TRP B 101 17.11 1.16 6.29
CA TRP B 101 16.58 -0.07 6.88
C TRP B 101 15.19 -0.30 6.34
N VAL B 102 14.93 -1.52 5.86
CA VAL B 102 13.62 -1.89 5.33
C VAL B 102 13.10 -3.03 6.16
N PHE B 103 11.87 -2.90 6.67
CA PHE B 103 11.26 -3.95 7.47
C PHE B 103 10.44 -4.90 6.62
N GLY B 104 10.53 -6.18 6.91
CA GLY B 104 9.58 -7.11 6.35
C GLY B 104 8.20 -6.88 6.93
N GLY B 105 7.20 -7.56 6.36
CA GLY B 105 5.84 -7.37 6.83
C GLY B 105 5.48 -8.07 8.12
N GLY B 106 6.33 -8.98 8.63
CA GLY B 106 6.03 -9.64 9.88
C GLY B 106 5.37 -11.00 9.70
N THR B 107 5.83 -11.98 10.49
CA THR B 107 5.21 -13.30 10.54
C THR B 107 4.52 -13.48 11.88
N LYS B 108 3.21 -13.71 11.86
CA LYS B 108 2.48 -14.01 13.08
C LYS B 108 2.63 -15.49 13.38
N LEU B 109 3.32 -15.81 14.47
CA LEU B 109 3.54 -17.19 14.88
C LEU B 109 2.56 -17.53 15.99
N THR B 110 1.75 -18.56 15.77
CA THR B 110 0.87 -19.09 16.78
C THR B 110 1.48 -20.38 17.31
N VAL B 111 1.56 -20.49 18.64
CA VAL B 111 2.02 -21.70 19.29
C VAL B 111 0.83 -22.28 20.03
N LEU B 112 0.40 -23.45 19.58
CA LEU B 112 -0.79 -24.07 20.15
C LEU B 112 -0.57 -24.45 21.60
N GLY B 113 -1.67 -24.51 22.36
CA GLY B 113 -1.61 -24.85 23.77
C GLY B 113 -1.60 -26.34 24.04
N GLN B 130 17.66 -4.91 32.37
CA GLN B 130 18.58 -3.82 32.74
C GLN B 130 18.55 -2.69 31.70
N VAL B 131 18.74 -3.01 30.42
CA VAL B 131 18.58 -1.99 29.38
C VAL B 131 17.12 -1.59 29.32
N GLN B 132 16.85 -0.29 29.36
CA GLN B 132 15.49 0.20 29.28
C GLN B 132 15.48 1.45 28.43
N LEU B 133 14.59 1.48 27.45
CA LEU B 133 14.29 2.65 26.64
C LEU B 133 12.87 3.07 26.98
N GLN B 134 12.73 4.26 27.56
CA GLN B 134 11.47 4.69 28.15
C GLN B 134 10.86 5.79 27.29
N GLN B 135 9.67 5.53 26.77
CA GLN B 135 8.94 6.50 25.97
C GLN B 135 7.59 6.80 26.62
N PRO B 136 7.11 8.03 26.51
CA PRO B 136 5.73 8.33 26.93
C PRO B 136 4.72 7.51 26.14
N GLY B 137 3.65 7.11 26.81
CA GLY B 137 2.70 6.20 26.17
C GLY B 137 1.96 6.80 25.00
N ALA B 138 1.64 8.10 25.07
CA ALA B 138 0.82 8.69 24.02
C ALA B 138 0.97 10.20 24.03
N GLU B 139 0.66 10.80 22.88
CA GLU B 139 0.55 12.24 22.72
C GLU B 139 -0.62 12.51 21.79
N LEU B 140 -1.56 13.36 22.23
CA LEU B 140 -2.69 13.78 21.41
C LEU B 140 -2.51 15.25 21.05
N VAL B 141 -2.51 15.55 19.75
CA VAL B 141 -2.28 16.91 19.26
C VAL B 141 -3.24 17.18 18.10
N LYS B 142 -3.35 18.50 17.73
CA LYS B 142 -4.17 18.97 16.62
C LYS B 142 -3.35 19.02 15.34
N PRO B 143 -4.00 18.96 14.19
CA PRO B 143 -3.27 19.14 12.93
C PRO B 143 -2.59 20.50 12.90
N GLY B 144 -1.38 20.53 12.34
CA GLY B 144 -0.57 21.73 12.32
C GLY B 144 0.36 21.89 13.51
N ALA B 145 0.16 21.13 14.59
CA ALA B 145 1.03 21.24 15.75
C ALA B 145 2.37 20.58 15.47
N SER B 146 3.28 20.73 16.41
CA SER B 146 4.54 20.00 16.45
C SER B 146 4.57 19.13 17.69
N VAL B 147 5.41 18.09 17.66
CA VAL B 147 5.65 17.25 18.82
C VAL B 147 7.14 16.95 18.89
N LYS B 148 7.63 16.78 20.12
CA LYS B 148 9.00 16.32 20.36
C LYS B 148 8.90 15.08 21.23
N LEU B 149 9.08 13.91 20.61
CA LEU B 149 8.96 12.64 21.31
C LEU B 149 10.28 12.30 21.98
N SER B 150 10.21 11.76 23.20
CA SER B 150 11.42 11.49 23.95
C SER B 150 11.59 10.00 24.19
N CYS B 151 12.85 9.63 24.35
CA CYS B 151 13.25 8.25 24.57
C CYS B 151 14.37 8.29 25.61
N LYS B 152 14.02 8.06 26.87
CA LYS B 152 15.00 8.14 27.96
C LYS B 152 15.53 6.75 28.28
N THR B 153 16.85 6.61 28.31
CA THR B 153 17.47 5.29 28.42
C THR B 153 18.16 5.11 29.77
N SER B 154 18.34 3.84 30.13
CA SER B 154 19.10 3.49 31.32
C SER B 154 19.65 2.09 31.13
N GLY B 155 20.65 1.74 31.92
CA GLY B 155 21.16 0.40 31.90
C GLY B 155 22.26 0.14 30.90
N TYR B 156 22.70 1.16 30.18
CA TYR B 156 23.81 1.01 29.24
C TYR B 156 24.44 2.36 29.02
N THR B 157 25.60 2.33 28.37
CA THR B 157 26.37 3.57 28.16
C THR B 157 25.81 4.26 26.93
N PHE B 158 24.89 5.21 27.18
CA PHE B 158 24.17 5.90 26.11
C PHE B 158 25.06 6.47 25.01
N PRO B 159 26.18 7.15 25.30
CA PRO B 159 26.98 7.75 24.21
C PRO B 159 27.60 6.75 23.26
N TYR B 160 27.66 5.48 23.63
CA TYR B 160 28.32 4.47 22.81
C TYR B 160 27.36 3.72 21.88
N TYR B 161 26.08 4.10 21.83
CA TYR B 161 25.11 3.46 20.96
C TYR B 161 24.30 4.52 20.24
N TRP B 162 23.99 4.25 18.98
CA TRP B 162 23.06 5.04 18.20
C TRP B 162 21.64 4.85 18.74
N MET B 163 20.72 5.70 18.26
CA MET B 163 19.31 5.49 18.48
C MET B 163 18.56 5.59 17.16
N HIS B 164 17.79 4.55 16.83
CA HIS B 164 16.91 4.53 15.68
C HIS B 164 15.51 4.96 16.08
N TRP B 165 14.77 5.49 15.11
CA TRP B 165 13.35 5.74 15.27
C TRP B 165 12.60 5.04 14.15
N VAL B 166 11.46 4.45 14.50
CA VAL B 166 10.65 3.64 13.60
C VAL B 166 9.20 3.99 13.87
N ASN B 167 8.38 4.00 12.84
CA ASN B 167 6.96 4.20 13.11
C ASN B 167 6.12 3.14 12.44
N GLN B 168 4.88 3.07 12.89
CA GLN B 168 3.94 2.03 12.48
C GLN B 168 2.59 2.72 12.39
N ARG B 169 2.18 3.06 11.16
CA ARG B 169 0.85 3.62 10.91
C ARG B 169 -0.19 2.51 10.89
N PRO B 170 -1.44 2.81 11.27
CA PRO B 170 -2.50 1.79 11.21
C PRO B 170 -2.62 1.20 9.80
N GLY B 171 -2.67 -0.13 9.74
CA GLY B 171 -2.85 -0.82 8.48
C GLY B 171 -1.66 -0.79 7.55
N ARG B 172 -0.50 -0.34 8.03
CA ARG B 172 0.68 -0.25 7.21
C ARG B 172 1.83 -0.91 7.96
N GLY B 173 2.98 -1.00 7.31
CA GLY B 173 4.10 -1.71 7.90
C GLY B 173 4.99 -0.80 8.71
N LEU B 174 5.95 -1.42 9.40
CA LEU B 174 6.99 -0.67 10.11
C LEU B 174 7.83 0.12 9.12
N GLU B 175 8.21 1.33 9.51
CA GLU B 175 8.91 2.25 8.64
CA GLU B 175 8.93 2.24 8.63
C GLU B 175 10.05 2.91 9.40
N TRP B 176 11.29 2.72 8.93
CA TRP B 176 12.44 3.36 9.55
C TRP B 176 12.44 4.87 9.26
N ILE B 177 12.57 5.67 10.32
CA ILE B 177 12.61 7.13 10.17
C ILE B 177 14.04 7.62 10.02
N GLY B 178 14.94 7.12 10.84
CA GLY B 178 16.32 7.57 10.80
C GLY B 178 17.02 7.19 12.08
N ARG B 179 18.29 7.55 12.16
CA ARG B 179 19.06 7.29 13.37
C ARG B 179 19.94 8.48 13.69
N ILE B 180 20.37 8.52 14.95
CA ILE B 180 21.30 9.54 15.43
C ILE B 180 22.42 8.87 16.21
N ASP B 181 23.65 9.38 16.02
CA ASP B 181 24.79 8.94 16.80
C ASP B 181 25.00 9.97 17.90
N PRO B 182 24.84 9.63 19.18
CA PRO B 182 25.05 10.65 20.23
C PRO B 182 26.48 11.17 20.29
N ASN B 183 27.44 10.44 19.72
CA ASN B 183 28.83 10.86 19.64
C ASN B 183 28.97 11.81 18.45
N GLY B 184 28.57 13.05 18.68
CA GLY B 184 28.58 14.08 17.66
C GLY B 184 27.20 14.45 17.16
N GLY B 185 26.18 13.65 17.42
CA GLY B 185 24.86 14.00 16.97
C GLY B 185 24.61 13.77 15.49
N GLY B 186 25.51 13.07 14.81
CA GLY B 186 25.34 12.87 13.38
C GLY B 186 24.11 12.04 13.09
N THR B 187 23.33 12.46 12.10
CA THR B 187 22.08 11.80 11.76
C THR B 187 22.14 11.15 10.38
N ARG B 188 21.29 10.14 10.19
CA ARG B 188 20.98 9.64 8.86
C ARG B 188 19.48 9.45 8.79
N TYR B 189 18.86 10.02 7.77
CA TYR B 189 17.41 9.96 7.63
C TYR B 189 17.01 9.07 6.47
N SER B 190 15.86 8.42 6.61
CA SER B 190 15.23 7.82 5.45
C SER B 190 14.79 8.92 4.49
N GLU B 191 14.72 8.56 3.21
CA GLU B 191 14.23 9.52 2.21
C GLU B 191 12.88 10.09 2.61
N LYS B 192 11.99 9.24 3.12
CA LYS B 192 10.63 9.67 3.45
C LYS B 192 10.61 10.72 4.56
N PHE B 193 11.59 10.72 5.47
CA PHE B 193 11.57 11.61 6.62
C PHE B 193 12.68 12.63 6.61
N LYS B 194 13.45 12.71 5.51
CA LYS B 194 14.67 13.50 5.54
C LYS B 194 14.41 14.99 5.64
N SER B 195 13.20 15.46 5.31
CA SER B 195 12.87 16.87 5.46
C SER B 195 11.75 17.05 6.48
N LYS B 196 11.50 16.04 7.29
CA LYS B 196 10.35 16.00 8.18
C LYS B 196 10.76 15.85 9.64
N ALA B 197 11.57 14.85 9.95
CA ALA B 197 11.96 14.58 11.32
C ALA B 197 13.27 15.28 11.66
N THR B 198 13.39 15.70 12.91
CA THR B 198 14.66 16.20 13.45
C THR B 198 15.02 15.36 14.65
N LEU B 199 16.14 14.63 14.55
CA LEU B 199 16.65 13.84 15.66
C LEU B 199 17.70 14.65 16.42
N THR B 200 17.60 14.60 17.75
CA THR B 200 18.61 15.18 18.64
C THR B 200 18.82 14.22 19.82
N VAL B 201 19.88 14.48 20.59
CA VAL B 201 20.09 13.77 21.84
C VAL B 201 20.46 14.79 22.91
N ASP B 202 20.22 14.39 24.15
CA ASP B 202 20.77 15.05 25.32
C ASP B 202 21.59 14.01 26.09
N LYS B 203 22.90 14.14 26.04
CA LYS B 203 23.77 13.09 26.57
C LYS B 203 23.76 13.04 28.09
N PRO B 204 23.80 14.17 28.81
CA PRO B 204 23.78 14.06 30.28
C PRO B 204 22.57 13.32 30.83
N SER B 205 21.41 13.45 30.17
CA SER B 205 20.18 12.79 30.62
C SER B 205 19.91 11.48 29.90
N ASN B 206 20.81 11.04 29.02
CA ASN B 206 20.66 9.78 28.29
C ASN B 206 19.33 9.72 27.53
N THR B 207 18.95 10.83 26.89
CA THR B 207 17.68 10.93 26.20
C THR B 207 17.88 11.22 24.71
N ALA B 208 17.13 10.51 23.87
CA ALA B 208 17.05 10.78 22.46
C ALA B 208 15.69 11.38 22.15
N TYR B 209 15.65 12.29 21.17
CA TYR B 209 14.43 12.99 20.79
C TYR B 209 14.16 12.91 19.31
N MET B 210 12.89 12.93 18.96
CA MET B 210 12.46 13.08 17.57
CA MET B 210 12.47 13.10 17.56
C MET B 210 11.37 14.13 17.49
N GLN B 211 11.60 15.16 16.70
CA GLN B 211 10.67 16.27 16.53
C GLN B 211 10.03 16.19 15.16
N LEU B 212 8.72 16.43 15.11
CA LEU B 212 7.94 16.54 13.88
C LEU B 212 7.12 17.81 13.95
N SER B 213 7.02 18.54 12.83
CA SER B 213 6.23 19.77 12.75
C SER B 213 5.15 19.63 11.68
N SER B 214 4.24 20.61 11.65
CA SER B 214 3.18 20.68 10.65
C SER B 214 2.45 19.34 10.53
N LEU B 215 2.06 18.80 11.68
CA LEU B 215 1.52 17.46 11.73
C LEU B 215 0.17 17.38 11.03
N THR B 216 -0.07 16.25 10.38
CA THR B 216 -1.37 15.91 9.81
C THR B 216 -1.86 14.60 10.42
N SER B 217 -3.13 14.30 10.20
CA SER B 217 -3.67 13.04 10.70
C SER B 217 -2.89 11.86 10.15
N GLU B 218 -2.29 12.01 8.97
CA GLU B 218 -1.48 10.95 8.38
C GLU B 218 -0.23 10.65 9.18
N ASP B 219 0.19 11.57 10.06
CA ASP B 219 1.31 11.32 10.97
C ASP B 219 0.91 10.47 12.17
N SER B 220 -0.37 10.14 12.32
CA SER B 220 -0.80 9.32 13.45
C SER B 220 -0.19 7.93 13.31
N ALA B 221 0.49 7.48 14.36
CA ALA B 221 1.26 6.25 14.33
C ALA B 221 1.83 6.00 15.71
N VAL B 222 2.29 4.78 15.93
CA VAL B 222 3.14 4.51 17.08
C VAL B 222 4.57 4.74 16.66
N TYR B 223 5.30 5.52 17.45
CA TYR B 223 6.69 5.86 17.15
C TYR B 223 7.59 5.18 18.18
N TYR B 224 8.50 4.35 17.71
CA TYR B 224 9.42 3.60 18.55
C TYR B 224 10.83 4.18 18.47
N CYS B 225 11.54 4.17 19.58
CA CYS B 225 12.98 4.26 19.52
C CYS B 225 13.55 2.87 19.72
N ALA B 226 14.70 2.61 19.09
CA ALA B 226 15.35 1.31 19.20
C ALA B 226 16.85 1.56 19.14
N ARG B 227 17.59 0.86 19.99
CA ARG B 227 19.03 1.04 20.07
C ARG B 227 19.71 0.44 18.85
N GLY B 228 20.84 1.03 18.48
CA GLY B 228 21.69 0.44 17.47
C GLY B 228 23.12 0.93 17.60
N LYS B 229 23.96 0.46 16.69
CA LYS B 229 25.33 0.91 16.52
C LYS B 229 25.85 0.11 15.34
N LEU B 230 27.03 0.48 14.85
CA LEU B 230 27.59 -0.26 13.73
C LEU B 230 27.68 -1.74 14.07
N GLY B 231 27.17 -2.58 13.18
CA GLY B 231 27.21 -4.01 13.37
C GLY B 231 26.22 -4.59 14.37
N GLN B 232 25.32 -3.78 14.95
CA GLN B 232 24.46 -4.29 16.03
C GLN B 232 23.25 -3.37 16.20
N HIS B 233 22.15 -3.72 15.51
CA HIS B 233 20.99 -2.84 15.39
C HIS B 233 19.71 -3.48 15.88
N PHE B 234 18.85 -2.65 16.48
CA PHE B 234 17.47 -2.98 16.87
C PHE B 234 17.42 -4.05 17.97
N ASP B 235 18.43 -4.07 18.86
CA ASP B 235 18.45 -5.11 19.89
C ASP B 235 17.58 -4.77 21.09
N TYR B 236 17.34 -3.49 21.39
CA TYR B 236 16.44 -3.09 22.45
C TYR B 236 15.51 -1.99 21.96
N TRP B 237 14.25 -2.02 22.41
CA TRP B 237 13.22 -1.12 21.92
C TRP B 237 12.50 -0.41 23.06
N GLY B 238 12.12 0.85 22.80
CA GLY B 238 11.15 1.50 23.65
C GLY B 238 9.77 0.90 23.45
N GLN B 239 8.83 1.26 24.34
CA GLN B 239 7.49 0.71 24.22
C GLN B 239 6.66 1.40 23.16
N GLY B 240 7.12 2.53 22.62
CA GLY B 240 6.37 3.23 21.59
C GLY B 240 5.51 4.33 22.16
N THR B 241 5.49 5.48 21.50
CA THR B 241 4.56 6.56 21.82
C THR B 241 3.49 6.58 20.74
N ALA B 242 2.23 6.44 21.15
CA ALA B 242 1.12 6.48 20.22
C ALA B 242 0.75 7.95 19.99
N LEU B 243 1.06 8.45 18.81
CA LEU B 243 0.77 9.83 18.44
C LEU B 243 -0.54 9.86 17.66
N THR B 244 -1.52 10.58 18.19
CA THR B 244 -2.78 10.82 17.49
C THR B 244 -2.86 12.28 17.11
N VAL B 245 -3.00 12.55 15.82
CA VAL B 245 -3.20 13.90 15.29
C VAL B 245 -4.62 13.96 14.73
N SER B 246 -5.47 14.78 15.33
CA SER B 246 -6.86 14.72 14.90
C SER B 246 -7.57 16.03 15.18
N SER B 247 -8.62 16.25 14.37
CA SER B 247 -9.62 17.31 14.50
C SER B 247 -9.04 18.68 14.76
#